data_3OFG
#
_entry.id   3OFG
#
_cell.length_a   29.522
_cell.length_b   38.148
_cell.length_c   40.706
_cell.angle_alpha   63.390
_cell.angle_beta   85.740
_cell.angle_gamma   84.690
#
_symmetry.space_group_name_H-M   'P 1'
#
loop_
_entity.id
_entity.type
_entity.pdbx_description
1 polymer 'Boca/mesd chaperone for ywtd beta-propeller-egf protein 1'
2 non-polymer 'CHLORIDE ION'
3 water water
#
_entity_poly.entity_id   1
_entity_poly.type   'polypeptide(L)'
_entity_poly.pdbx_seq_one_letter_code
;GSH(MSE)SKKGQTL(MSE)LFVGVVDPSQPDRSDIRPFTEKWTQIWQSQLYNNHVDLQVFVIDDNRAIF(MSE)FKNGE
QAFEAKKFLLKQEFVSEVTIEGQSFDG
;
_entity_poly.pdbx_strand_id   A,B
#
loop_
_chem_comp.id
_chem_comp.type
_chem_comp.name
_chem_comp.formula
CL non-polymer 'CHLORIDE ION' 'Cl -1'
#
# COMPACT_ATOMS: atom_id res chain seq x y z
N SER A 5 -16.54 11.49 3.37
CA SER A 5 -16.60 10.78 2.10
C SER A 5 -15.66 11.42 1.08
N LYS A 6 -15.11 10.58 0.21
CA LYS A 6 -14.11 11.03 -0.76
C LYS A 6 -14.73 11.27 -2.13
N LYS A 7 -14.10 12.15 -2.89
CA LYS A 7 -14.46 12.29 -4.30
C LYS A 7 -13.42 11.54 -5.11
N GLY A 8 -13.87 10.57 -5.88
CA GLY A 8 -13.01 9.90 -6.81
C GLY A 8 -12.44 8.60 -6.29
N GLN A 9 -11.87 7.88 -7.23
CA GLN A 9 -11.21 6.61 -6.93
C GLN A 9 -10.00 6.81 -6.04
N THR A 10 -9.66 5.76 -5.31
CA THR A 10 -8.50 5.74 -4.47
C THR A 10 -7.23 5.57 -5.28
N LEU A 11 -6.28 6.49 -5.08
CA LEU A 11 -4.98 6.35 -5.69
C LEU A 11 -3.92 6.39 -4.60
N MSE A 12 -2.81 5.71 -4.86
N MSE A 12 -2.86 5.63 -4.86
CA MSE A 12 -1.67 5.84 -3.98
CA MSE A 12 -1.74 5.58 -3.96
C MSE A 12 -0.40 6.01 -4.81
C MSE A 12 -0.47 5.56 -4.78
O MSE A 12 -0.40 5.76 -6.03
O MSE A 12 -0.39 5.04 -5.89
CB MSE A 12 -1.56 4.64 -2.99
CB MSE A 12 -1.80 4.36 -3.07
CG MSE A 12 -1.83 3.25 -3.57
CG MSE A 12 -1.37 3.15 -3.83
SE MSE A 12 -2.09 1.74 -2.26
SE MSE A 12 -1.29 1.44 -2.88
CE MSE A 12 -3.90 2.12 -1.61
CE MSE A 12 -2.68 1.67 -1.55
H MSE A 12 -2.70 5.18 -5.52
H MSE A 12 -2.77 5.14 -5.56
HA MSE A 12 -1.78 6.65 -3.43
HA MSE A 12 -1.74 6.38 -3.39
HB2 MSE A 12 -0.66 4.64 -2.62
HB2 MSE A 12 -1.19 4.48 -2.32
HB3 MSE A 12 -2.20 4.79 -2.28
HB3 MSE A 12 -2.70 4.22 -2.77
HG2 MSE A 12 -2.62 3.30 -4.11
HG2 MSE A 12 -1.98 3.05 -4.56
HG3 MSE A 12 -1.07 3.01 -4.14
HG3 MSE A 12 -0.48 3.32 -4.17
HE1 MSE A 12 -4.51 2.09 -2.36
HE1 MSE A 12 -2.73 0.88 -1.01
HE2 MSE A 12 -4.15 1.46 -0.96
HE2 MSE A 12 -2.45 2.43 -1.00
HE3 MSE A 12 -3.91 3.00 -1.21
HE3 MSE A 12 -3.51 1.82 -1.99
N LEU A 13 0.66 6.49 -4.16
N LEU A 13 0.54 6.12 -4.18
CA LEU A 13 2.00 6.47 -4.69
CA LEU A 13 1.79 6.36 -4.82
C LEU A 13 2.84 5.42 -4.01
C LEU A 13 2.85 5.58 -4.05
N PHE A 14 3.79 4.92 -4.77
N PHE A 14 3.68 4.84 -4.79
CA PHE A 14 4.91 4.18 -4.23
CA PHE A 14 4.83 4.11 -4.25
C PHE A 14 6.10 5.09 -4.41
C PHE A 14 6.09 4.93 -4.46
N VAL A 15 6.91 5.20 -3.36
N VAL A 15 6.72 5.40 -3.37
CA VAL A 15 8.00 6.15 -3.31
CA VAL A 15 7.99 6.13 -3.46
C VAL A 15 9.26 5.42 -2.86
C VAL A 15 9.16 5.28 -2.97
N GLY A 16 10.21 5.25 -3.76
CA GLY A 16 11.49 4.62 -3.41
C GLY A 16 12.45 5.66 -2.89
N VAL A 17 13.31 5.26 -1.97
CA VAL A 17 14.25 6.15 -1.35
C VAL A 17 15.65 5.60 -1.56
N VAL A 18 16.57 6.49 -1.90
CA VAL A 18 18.00 6.16 -2.01
C VAL A 18 18.79 7.21 -1.26
N ASP A 19 19.74 6.75 -0.46
CA ASP A 19 20.71 7.63 0.17
C ASP A 19 21.91 7.71 -0.77
N PRO A 20 22.16 8.90 -1.37
CA PRO A 20 23.24 9.00 -2.35
C PRO A 20 24.62 8.75 -1.77
N SER A 21 24.72 8.98 -0.46
N SER A 21 24.80 8.74 -0.46
CA SER A 21 25.95 8.78 0.29
CA SER A 21 26.11 8.35 0.07
C SER A 21 26.22 7.29 0.51
C SER A 21 26.47 6.88 -0.19
N GLN A 22 25.18 6.46 0.35
N GLN A 22 25.45 6.01 -0.24
CA GLN A 22 25.28 4.99 0.36
CA GLN A 22 25.64 4.59 -0.51
C GLN A 22 24.38 4.35 -0.70
C GLN A 22 24.47 4.11 -1.34
N PRO A 23 24.72 4.50 -1.99
N PRO A 23 24.51 4.39 -2.65
CA PRO A 23 23.75 4.32 -3.11
CA PRO A 23 23.26 4.19 -3.38
C PRO A 23 23.13 2.92 -3.41
C PRO A 23 22.94 2.73 -3.50
N ASP A 24 23.86 1.85 -3.13
CA ASP A 24 23.49 0.46 -3.27
C ASP A 24 22.88 -0.12 -1.99
N ARG A 25 22.69 0.71 -0.98
CA ARG A 25 22.18 0.23 0.29
C ARG A 25 20.66 0.30 0.34
N SER A 26 20.03 -0.84 0.54
CA SER A 26 18.58 -0.92 0.66
C SER A 26 18.08 -0.86 2.11
N ASP A 27 18.89 -1.29 3.07
CA ASP A 27 18.45 -1.32 4.47
C ASP A 27 18.71 0.04 5.11
N ILE A 28 17.87 0.99 4.71
CA ILE A 28 18.00 2.39 5.12
C ILE A 28 16.68 2.84 5.77
N ARG A 29 16.06 1.99 6.57
CA ARG A 29 14.77 2.34 7.15
C ARG A 29 14.76 3.63 7.95
N PRO A 30 15.75 3.90 8.79
CA PRO A 30 15.68 5.18 9.53
C PRO A 30 15.61 6.39 8.59
N PHE A 31 16.36 6.32 7.51
CA PHE A 31 16.46 7.40 6.53
C PHE A 31 15.14 7.51 5.76
N THR A 32 14.56 6.39 5.37
CA THR A 32 13.26 6.40 4.71
C THR A 32 12.18 6.93 5.62
N GLU A 33 12.21 6.54 6.89
CA GLU A 33 11.20 7.03 7.82
C GLU A 33 11.37 8.52 8.05
N LYS A 34 12.60 9.01 8.16
CA LYS A 34 12.83 10.42 8.35
C LYS A 34 12.30 11.21 7.18
N TRP A 35 12.73 10.84 5.98
CA TRP A 35 12.46 11.68 4.83
C TRP A 35 11.03 11.58 4.34
N THR A 36 10.42 10.41 4.43
CA THR A 36 9.01 10.32 4.03
C THR A 36 8.15 11.18 4.93
N GLN A 37 8.46 11.29 6.20
CA GLN A 37 7.65 12.15 7.04
CA GLN A 37 7.69 12.15 7.10
C GLN A 37 7.88 13.61 6.72
N ILE A 38 9.10 13.99 6.40
CA ILE A 38 9.38 15.36 5.99
C ILE A 38 8.63 15.70 4.71
N TRP A 39 8.69 14.83 3.72
CA TRP A 39 7.95 15.07 2.47
C TRP A 39 6.45 15.15 2.76
N GLN A 40 5.94 14.30 3.63
CA GLN A 40 4.53 14.37 4.01
C GLN A 40 4.22 15.74 4.58
N SER A 41 5.09 16.27 5.44
CA SER A 41 4.86 17.60 6.01
C SER A 41 4.87 18.69 4.95
N GLN A 42 5.84 18.65 4.05
CA GLN A 42 5.93 19.62 2.98
C GLN A 42 4.70 19.55 2.07
N LEU A 43 4.22 18.36 1.76
CA LEU A 43 3.03 18.19 0.95
C LEU A 43 1.80 18.69 1.71
N TYR A 44 1.72 18.44 3.01
CA TYR A 44 0.62 18.94 3.83
C TYR A 44 0.59 20.48 3.68
N ASN A 45 1.75 21.12 3.73
CA ASN A 45 1.79 22.58 3.66
C ASN A 45 1.45 23.11 2.26
N ASN A 46 1.48 22.25 1.25
CA ASN A 46 1.02 22.53 -0.11
C ASN A 46 -0.42 22.05 -0.29
N HIS A 47 -1.07 21.68 0.80
CA HIS A 47 -2.48 21.33 0.82
CA HIS A 47 -2.47 21.27 0.90
C HIS A 47 -2.80 19.97 0.20
N VAL A 48 -1.84 19.05 0.29
CA VAL A 48 -2.03 17.67 -0.12
C VAL A 48 -1.97 16.79 1.11
N ASP A 49 -3.11 16.28 1.56
CA ASP A 49 -3.20 15.38 2.69
C ASP A 49 -2.96 13.93 2.26
N LEU A 50 -2.13 13.22 2.99
CA LEU A 50 -1.83 11.84 2.66
C LEU A 50 -1.44 11.10 3.93
N GLN A 51 -1.56 9.78 3.87
CA GLN A 51 -1.14 8.87 4.94
C GLN A 51 0.06 8.07 4.43
N VAL A 52 1.09 7.90 5.25
CA VAL A 52 2.29 7.18 4.87
C VAL A 52 2.35 5.81 5.52
N PHE A 53 2.71 4.80 4.72
CA PHE A 53 3.02 3.47 5.23
C PHE A 53 4.39 3.10 4.69
N VAL A 54 5.37 2.88 5.57
CA VAL A 54 6.69 2.43 5.16
C VAL A 54 6.61 0.91 5.03
N ILE A 55 6.64 0.42 3.81
CA ILE A 55 6.38 -1.00 3.54
C ILE A 55 7.65 -1.79 3.27
N ASP A 56 8.78 -1.12 3.02
CA ASP A 56 10.09 -1.75 2.91
C ASP A 56 11.09 -0.79 3.51
N ASP A 57 12.31 -1.24 3.72
CA ASP A 57 13.32 -0.37 4.33
C ASP A 57 13.63 0.84 3.46
N ASN A 58 13.34 0.73 2.17
CA ASN A 58 13.57 1.81 1.21
C ASN A 58 12.39 2.11 0.30
N ARG A 59 11.18 1.85 0.77
CA ARG A 59 10.01 2.12 -0.05
C ARG A 59 8.81 2.39 0.82
N ALA A 60 8.04 3.39 0.45
CA ALA A 60 6.83 3.76 1.17
C ALA A 60 5.64 3.94 0.25
N ILE A 61 4.46 3.84 0.82
CA ILE A 61 3.22 4.17 0.14
C ILE A 61 2.72 5.48 0.70
N PHE A 62 2.32 6.39 -0.18
CA PHE A 62 1.56 7.60 0.17
C PHE A 62 0.13 7.38 -0.33
N MSE A 63 -0.84 7.30 0.57
N MSE A 63 -0.84 7.35 0.56
CA MSE A 63 -2.25 7.19 0.21
CA MSE A 63 -2.22 7.21 0.17
C MSE A 63 -2.89 8.56 0.29
C MSE A 63 -2.91 8.55 0.29
O MSE A 63 -2.74 9.25 1.29
O MSE A 63 -2.82 9.20 1.32
CB MSE A 63 -2.98 6.25 1.17
CB MSE A 63 -2.92 6.20 1.09
CG MSE A 63 -2.60 4.77 1.04
CG MSE A 63 -4.30 5.82 0.61
SE MSE A 63 -3.97 3.52 1.69
SE MSE A 63 -5.05 4.35 1.66
CE MSE A 63 -5.61 4.50 1.24
CE MSE A 63 -3.35 3.34 1.99
H MSE A 63 -0.71 7.31 1.42
H MSE A 63 -0.71 7.42 1.41
HA MSE A 63 -2.33 6.84 -0.70
HA MSE A 63 -2.28 6.88 -0.75
HB2 MSE A 63 -2.78 6.53 2.08
HB2 MSE A 63 -2.39 5.40 1.13
HB3 MSE A 63 -3.94 6.33 1.01
HB3 MSE A 63 -3.01 6.59 1.97
HG2 MSE A 63 -2.45 4.58 0.11
HG2 MSE A 63 -4.90 6.58 0.70
HG3 MSE A 63 -1.80 4.61 1.55
HG3 MSE A 63 -4.26 5.54 -0.32
HE1 MSE A 63 -6.37 3.99 1.51
HE1 MSE A 63 -3.54 2.57 2.51
HE2 MSE A 63 -5.60 5.34 1.70
HE2 MSE A 63 -2.96 3.09 1.15
HE3 MSE A 63 -5.63 4.65 0.29
HE3 MSE A 63 -2.74 3.91 2.48
N PHE A 64 -3.60 8.96 -0.75
CA PHE A 64 -4.16 10.30 -0.82
C PHE A 64 -5.56 10.37 -0.28
N LYS A 65 -5.86 11.46 0.40
CA LYS A 65 -7.22 11.76 0.76
C LYS A 65 -8.00 12.12 -0.52
N ASN A 66 -7.35 12.86 -1.41
CA ASN A 66 -7.94 13.26 -2.69
C ASN A 66 -7.02 12.79 -3.81
N GLY A 67 -7.40 11.70 -4.47
CA GLY A 67 -6.62 11.13 -5.55
C GLY A 67 -6.27 12.06 -6.69
N GLU A 68 -7.08 13.10 -6.89
CA GLU A 68 -6.82 14.10 -7.91
C GLU A 68 -5.44 14.76 -7.75
N GLN A 69 -4.90 14.71 -6.52
CA GLN A 69 -3.64 15.36 -6.19
C GLN A 69 -2.42 14.48 -6.40
N ALA A 70 -2.62 13.26 -6.88
CA ALA A 70 -1.52 12.31 -7.00
C ALA A 70 -0.43 12.83 -7.90
N PHE A 71 -0.80 13.53 -8.96
CA PHE A 71 0.18 14.02 -9.87
C PHE A 71 0.98 15.19 -9.30
N GLU A 72 0.32 16.06 -8.55
CA GLU A 72 1.03 17.13 -7.86
C GLU A 72 2.05 16.53 -6.91
N ALA A 73 1.67 15.47 -6.21
CA ALA A 73 2.59 14.85 -5.24
C ALA A 73 3.74 14.16 -5.93
N LYS A 74 3.48 13.46 -7.05
CA LYS A 74 4.56 12.81 -7.78
C LYS A 74 5.54 13.86 -8.30
N LYS A 75 5.04 14.95 -8.85
CA LYS A 75 5.88 16.02 -9.37
C LYS A 75 6.77 16.57 -8.27
N PHE A 76 6.21 16.85 -7.10
CA PHE A 76 6.98 17.34 -5.97
C PHE A 76 8.08 16.34 -5.57
N LEU A 77 7.69 15.07 -5.43
CA LEU A 77 8.62 14.06 -4.95
C LEU A 77 9.80 13.87 -5.89
N LEU A 78 9.54 13.95 -7.20
CA LEU A 78 10.59 13.73 -8.16
C LEU A 78 11.60 14.89 -8.18
N LYS A 79 11.29 15.99 -7.51
CA LYS A 79 12.25 17.09 -7.31
C LYS A 79 13.16 16.89 -6.10
N GLN A 80 12.90 15.87 -5.29
CA GLN A 80 13.63 15.70 -4.05
C GLN A 80 14.84 14.79 -4.22
N GLU A 81 15.93 15.16 -3.55
CA GLU A 81 17.20 14.48 -3.73
C GLU A 81 17.15 12.98 -3.43
N PHE A 82 16.40 12.59 -2.41
CA PHE A 82 16.47 11.22 -1.91
C PHE A 82 15.39 10.29 -2.47
N VAL A 83 14.62 10.79 -3.44
CA VAL A 83 13.58 10.00 -4.10
C VAL A 83 14.16 9.34 -5.32
N SER A 84 14.07 8.02 -5.37
N SER A 84 14.01 8.02 -5.42
CA SER A 84 14.66 7.26 -6.46
CA SER A 84 14.32 7.33 -6.66
C SER A 84 13.65 7.00 -7.56
C SER A 84 13.06 7.20 -7.53
N GLU A 85 12.40 6.84 -7.17
N GLU A 85 12.41 6.04 -7.52
CA GLU A 85 11.36 6.56 -8.13
CA GLU A 85 11.21 5.81 -8.34
C GLU A 85 10.01 6.82 -7.50
C GLU A 85 9.93 6.27 -7.62
N VAL A 86 9.01 6.95 -8.34
CA VAL A 86 7.66 7.21 -7.88
C VAL A 86 6.73 6.66 -8.91
N THR A 87 5.80 5.82 -8.48
CA THR A 87 4.76 5.31 -9.38
C THR A 87 3.41 5.55 -8.77
N ILE A 88 2.37 5.69 -9.59
CA ILE A 88 1.02 5.94 -9.11
C ILE A 88 0.21 4.73 -9.50
N GLU A 89 -0.55 4.20 -8.55
CA GLU A 89 -1.42 3.06 -8.84
C GLU A 89 -2.81 3.25 -8.27
N GLY A 90 -3.78 2.76 -9.02
CA GLY A 90 -5.13 2.59 -8.52
C GLY A 90 -5.35 1.14 -8.16
N GLN A 91 -6.59 0.79 -7.96
CA GLN A 91 -6.94 -0.57 -7.57
C GLN A 91 -6.49 -1.56 -8.63
N SER A 92 -6.13 -2.76 -8.19
CA SER A 92 -5.57 -3.77 -9.06
C SER A 92 -6.62 -4.49 -9.93
N PHE A 93 -7.84 -4.65 -9.44
CA PHE A 93 -8.89 -5.37 -10.14
C PHE A 93 -10.10 -4.46 -10.30
N ASP A 94 -11.31 -4.98 -10.10
N ASP A 94 -11.31 -4.92 -10.10
CA ASP A 94 -12.55 -4.21 -10.35
CA ASP A 94 -12.40 -3.96 -10.23
C ASP A 94 -13.50 -4.10 -9.18
C ASP A 94 -13.48 -4.17 -9.19
N GLY A 95 -13.01 -4.35 -7.96
CA GLY A 95 -13.91 -4.49 -6.81
C GLY A 95 -14.40 -3.15 -6.30
N GLN B 9 -15.22 5.15 9.25
CA GLN B 9 -13.79 5.06 8.92
C GLN B 9 -13.50 3.86 8.01
N THR B 10 -12.71 4.11 6.99
CA THR B 10 -12.27 3.07 6.08
C THR B 10 -11.15 2.31 6.76
N LEU B 11 -11.19 0.98 6.68
CA LEU B 11 -10.16 0.15 7.26
C LEU B 11 -9.47 -0.63 6.16
N MSE B 12 -8.22 -1.02 6.42
N MSE B 12 -8.26 -1.09 6.42
N MSE B 12 -8.26 -1.08 6.45
CA MSE B 12 -7.40 -1.74 5.45
CA MSE B 12 -7.63 -1.91 5.41
CA MSE B 12 -7.41 -1.76 5.47
C MSE B 12 -6.81 -2.98 6.10
C MSE B 12 -6.85 -2.98 6.08
C MSE B 12 -6.64 -2.93 6.05
O MSE B 12 -6.61 -3.01 7.31
O MSE B 12 -6.55 -2.90 7.27
O MSE B 12 -6.07 -2.84 7.15
CB MSE B 12 -6.23 -0.87 4.98
CB MSE B 12 -6.73 -1.07 4.54
CB MSE B 12 -6.38 -0.79 4.93
CG MSE B 12 -6.57 0.12 3.89
CG MSE B 12 -5.55 -0.53 5.29
CG MSE B 12 -6.94 0.24 4.02
SE MSE B 12 -7.12 1.83 4.61
SE MSE B 12 -4.73 0.97 4.38
SE MSE B 12 -5.58 1.54 3.72
CE MSE B 12 -5.42 2.32 5.43
CE MSE B 12 -5.91 2.40 4.93
CE MSE B 12 -5.42 2.23 5.53
H MSE B 12 -7.82 -0.88 7.18
H MSE B 12 -7.81 -0.95 7.13
H MSE B 12 -7.89 -1.02 7.23
HA MSE B 12 -7.93 -1.98 4.68
HA MSE B 12 -8.33 -2.31 4.84
HA MSE B 12 -7.96 -2.07 4.73
HB2 MSE B 12 -5.90 -0.36 5.74
HB2 MSE B 12 -6.40 -1.61 3.81
HB2 MSE B 12 -5.97 -0.33 5.68
HB3 MSE B 12 -5.53 -1.44 4.65
HB3 MSE B 12 -7.23 -0.31 4.20
HB3 MSE B 12 -5.71 -1.29 4.44
HG2 MSE B 12 -5.79 0.27 3.33
HG2 MSE B 12 -5.84 -0.23 6.17
HG2 MSE B 12 -7.18 -0.17 3.17
HG3 MSE B 12 -7.30 -0.23 3.35
HG3 MSE B 12 -4.88 -1.23 5.38
HG3 MSE B 12 -7.71 0.66 4.42
HE1 MSE B 12 -5.52 3.18 5.85
HE1 MSE B 12 -5.61 3.22 4.54
HE1 MSE B 12 -4.74 2.92 5.53
HE2 MSE B 12 -5.18 1.66 6.08
HE2 MSE B 12 -6.80 2.21 4.63
HE2 MSE B 12 -6.25 2.60 5.80
HE3 MSE B 12 -4.74 2.37 4.75
HE3 MSE B 12 -5.89 2.47 5.89
HE3 MSE B 12 -5.15 1.52 6.11
N LEU B 13 -6.55 -4.01 5.29
CA LEU B 13 -5.76 -5.14 5.72
C LEU B 13 -4.51 -5.21 4.87
N PHE B 14 -3.36 -5.43 5.50
CA PHE B 14 -2.11 -5.72 4.82
C PHE B 14 -1.96 -7.21 4.88
N VAL B 15 -1.94 -7.84 3.71
CA VAL B 15 -2.02 -9.30 3.56
C VAL B 15 -0.72 -9.81 2.96
N GLY B 16 -0.05 -10.73 3.63
CA GLY B 16 1.13 -11.41 3.13
C GLY B 16 0.71 -12.75 2.57
N VAL B 17 1.27 -13.11 1.41
CA VAL B 17 0.92 -14.35 0.72
C VAL B 17 2.14 -15.27 0.67
N VAL B 18 1.87 -16.56 0.83
CA VAL B 18 2.93 -17.59 0.80
C VAL B 18 2.43 -18.74 -0.04
N ASP B 19 3.31 -19.20 -0.92
CA ASP B 19 3.03 -20.40 -1.70
C ASP B 19 3.84 -21.52 -1.06
N PRO B 20 3.17 -22.45 -0.35
CA PRO B 20 3.92 -23.49 0.37
C PRO B 20 4.72 -24.41 -0.55
N SER B 21 4.42 -24.42 -1.85
CA SER B 21 5.19 -25.19 -2.82
C SER B 21 6.42 -24.46 -3.35
N GLN B 22 6.53 -23.16 -3.04
CA GLN B 22 7.70 -22.36 -3.33
C GLN B 22 8.11 -21.72 -2.00
N PRO B 23 8.51 -22.54 -1.04
CA PRO B 23 8.75 -22.02 0.30
C PRO B 23 9.94 -21.07 0.29
N ASP B 24 9.84 -20.05 1.12
CA ASP B 24 10.88 -19.03 1.27
C ASP B 24 11.14 -18.26 -0.02
N ARG B 25 10.13 -18.13 -0.88
CA ARG B 25 10.23 -17.30 -2.06
C ARG B 25 9.18 -16.19 -2.03
N SER B 26 9.63 -14.97 -2.27
CA SER B 26 8.76 -13.81 -2.34
C SER B 26 8.38 -13.48 -3.76
N ASP B 27 9.12 -13.97 -4.75
CA ASP B 27 8.85 -13.66 -6.16
C ASP B 27 7.79 -14.61 -6.70
N ILE B 28 6.57 -14.42 -6.21
CA ILE B 28 5.43 -15.28 -6.52
C ILE B 28 4.25 -14.42 -7.01
N ARG B 29 4.54 -13.42 -7.83
CA ARG B 29 3.49 -12.50 -8.24
C ARG B 29 2.30 -13.17 -8.92
N PRO B 30 2.51 -14.11 -9.84
CA PRO B 30 1.31 -14.73 -10.45
C PRO B 30 0.39 -15.39 -9.43
N PHE B 31 0.97 -16.10 -8.47
CA PHE B 31 0.25 -16.75 -7.40
C PHE B 31 -0.49 -15.71 -6.54
N THR B 32 0.18 -14.61 -6.20
CA THR B 32 -0.43 -13.55 -5.40
C THR B 32 -1.58 -12.91 -6.14
N GLU B 33 -1.41 -12.63 -7.42
CA GLU B 33 -2.46 -12.01 -8.23
CA GLU B 33 -2.48 -12.02 -8.19
C GLU B 33 -3.67 -12.95 -8.33
N LYS B 34 -3.43 -14.24 -8.48
CA LYS B 34 -4.52 -15.20 -8.59
C LYS B 34 -5.28 -15.26 -7.26
N TRP B 35 -4.57 -15.49 -6.16
CA TRP B 35 -5.23 -15.76 -4.89
C TRP B 35 -5.90 -14.53 -4.29
N THR B 36 -5.32 -13.35 -4.46
CA THR B 36 -5.99 -12.15 -3.97
C THR B 36 -7.27 -11.93 -4.75
N GLN B 37 -7.26 -12.17 -6.06
CA GLN B 37 -8.50 -12.10 -6.84
C GLN B 37 -9.55 -13.10 -6.36
N ILE B 38 -9.13 -14.32 -6.07
CA ILE B 38 -10.05 -15.36 -5.63
C ILE B 38 -10.64 -14.95 -4.29
N TRP B 39 -9.80 -14.59 -3.33
CA TRP B 39 -10.31 -14.16 -2.02
C TRP B 39 -11.25 -12.99 -2.15
N GLN B 40 -10.91 -12.00 -2.97
CA GLN B 40 -11.81 -10.89 -3.21
C GLN B 40 -13.16 -11.36 -3.74
N SER B 41 -13.15 -12.29 -4.68
CA SER B 41 -14.37 -12.80 -5.28
CA SER B 41 -14.38 -12.81 -5.28
C SER B 41 -15.20 -13.60 -4.27
N GLN B 42 -14.55 -14.42 -3.47
CA GLN B 42 -15.26 -15.20 -2.45
C GLN B 42 -15.92 -14.28 -1.42
N LEU B 43 -15.19 -13.27 -0.98
CA LEU B 43 -15.76 -12.30 -0.06
C LEU B 43 -16.90 -11.53 -0.69
N TYR B 44 -16.79 -11.16 -1.97
CA TYR B 44 -17.87 -10.46 -2.63
C TYR B 44 -19.13 -11.34 -2.74
N ASN B 45 -18.96 -12.63 -2.94
N ASN B 45 -18.95 -12.64 -2.98
CA ASN B 45 -20.11 -13.51 -3.04
CA ASN B 45 -20.09 -13.56 -3.02
C ASN B 45 -20.85 -13.67 -1.70
C ASN B 45 -20.90 -13.46 -1.72
N ASN B 46 -20.17 -13.25 -0.62
CA ASN B 46 -20.79 -13.14 0.70
C ASN B 46 -20.94 -11.69 1.15
N HIS B 47 -21.02 -10.78 0.17
CA HIS B 47 -21.45 -9.39 0.34
C HIS B 47 -20.46 -8.49 1.02
N VAL B 48 -19.20 -8.87 0.96
CA VAL B 48 -18.11 -8.02 1.44
C VAL B 48 -17.36 -7.49 0.22
N ASP B 49 -17.43 -6.18 0.02
CA ASP B 49 -16.78 -5.55 -1.14
C ASP B 49 -15.50 -4.89 -0.66
N LEU B 50 -14.44 -5.14 -1.41
CA LEU B 50 -13.14 -4.58 -1.07
C LEU B 50 -12.41 -4.29 -2.37
N GLN B 51 -11.41 -3.42 -2.28
CA GLN B 51 -10.48 -3.17 -3.38
C GLN B 51 -9.13 -3.74 -3.00
N VAL B 52 -8.44 -4.31 -3.96
CA VAL B 52 -7.10 -4.87 -3.77
C VAL B 52 -6.09 -3.92 -4.39
N PHE B 53 -5.01 -3.66 -3.66
CA PHE B 53 -3.85 -2.97 -4.21
C PHE B 53 -2.66 -3.89 -3.98
N VAL B 54 -2.12 -4.48 -5.02
CA VAL B 54 -0.95 -5.33 -4.88
C VAL B 54 0.27 -4.44 -4.62
N ILE B 55 1.01 -4.68 -3.56
CA ILE B 55 2.10 -3.78 -3.16
C ILE B 55 3.48 -4.42 -3.21
N ASP B 56 3.53 -5.72 -3.43
CA ASP B 56 4.79 -6.44 -3.65
C ASP B 56 4.42 -7.75 -4.32
N ASP B 57 5.42 -8.53 -4.70
CA ASP B 57 5.17 -9.80 -5.39
C ASP B 57 4.44 -10.80 -4.48
N ASN B 58 4.45 -10.57 -3.17
CA ASN B 58 3.81 -11.46 -2.18
C ASN B 58 3.03 -10.69 -1.12
N ARG B 59 2.56 -9.49 -1.46
CA ARG B 59 1.79 -8.68 -0.49
C ARG B 59 0.74 -7.82 -1.17
N ALA B 60 -0.38 -7.60 -0.50
CA ALA B 60 -1.42 -6.72 -1.00
C ALA B 60 -2.09 -6.00 0.14
N ILE B 61 -2.67 -4.86 -0.19
CA ILE B 61 -3.62 -4.19 0.69
C ILE B 61 -5.05 -4.48 0.24
N PHE B 62 -5.92 -4.89 1.17
CA PHE B 62 -7.36 -4.99 0.92
C PHE B 62 -8.02 -3.82 1.63
N MSE B 63 -8.72 -2.98 0.88
N MSE B 63 -8.70 -2.98 0.85
CA MSE B 63 -9.33 -1.81 1.48
CA MSE B 63 -9.39 -1.79 1.34
C MSE B 63 -10.84 -1.94 1.54
C MSE B 63 -10.87 -2.06 1.57
O MSE B 63 -11.48 -2.30 0.56
O MSE B 63 -11.56 -2.63 0.71
CB MSE B 63 -8.96 -0.60 0.66
CB MSE B 63 -9.29 -0.67 0.29
CG MSE B 63 -9.62 0.65 1.10
CG MSE B 63 -7.89 -0.29 -0.13
SE MSE B 63 -9.23 2.16 -0.01
SE MSE B 63 -6.96 0.73 1.22
CE MSE B 63 -7.40 1.70 -0.28
CE MSE B 63 -8.29 2.12 1.51
H MSE B 63 -8.85 -3.06 0.04
H MSE B 63 -8.78 -3.08 0.00
HA MSE B 63 -8.98 -1.68 2.38
HA MSE B 63 -8.97 -1.47 2.17
HB2 MSE B 63 -8.00 -0.46 0.71
HB2 MSE B 63 -9.76 -0.95 -0.51
HB3 MSE B 63 -9.22 -0.75 -0.27
HB3 MSE B 63 -9.71 0.13 0.65
HG2 MSE B 63 -10.58 0.52 1.10
HG2 MSE B 63 -7.37 -1.09 -0.31
HG3 MSE B 63 -9.33 0.85 2.01
HG3 MSE B 63 -7.94 0.26 -0.93
HE1 MSE B 63 -6.99 2.36 -0.84
HE1 MSE B 63 -7.97 2.73 2.17
HE2 MSE B 63 -6.96 1.68 0.58
HE2 MSE B 63 -8.43 2.59 0.68
HE3 MSE B 63 -7.35 0.83 -0.70
HE3 MSE B 63 -9.11 1.72 1.80
N PHE B 64 -11.37 -1.64 2.74
CA PHE B 64 -12.78 -1.80 3.06
C PHE B 64 -13.42 -0.44 3.37
N LYS B 65 -14.16 0.06 2.40
CA LYS B 65 -14.81 1.37 2.55
C LYS B 65 -16.09 1.24 3.36
N ASN B 66 -16.64 0.03 3.48
CA ASN B 66 -17.49 -0.32 4.63
C ASN B 66 -16.57 -0.96 5.68
N GLY B 67 -16.01 -0.10 6.54
CA GLY B 67 -14.83 -0.43 7.31
C GLY B 67 -14.93 -1.66 8.18
N GLU B 68 -16.07 -1.83 8.84
CA GLU B 68 -16.25 -2.94 9.76
C GLU B 68 -16.08 -4.31 9.08
N GLN B 69 -16.30 -4.38 7.78
CA GLN B 69 -16.15 -5.64 7.07
C GLN B 69 -14.72 -6.12 7.08
N ALA B 70 -13.79 -5.23 7.36
CA ALA B 70 -12.39 -5.61 7.43
C ALA B 70 -12.14 -6.68 8.48
N PHE B 71 -12.84 -6.63 9.63
CA PHE B 71 -12.58 -7.65 10.65
CA PHE B 71 -12.66 -7.61 10.68
C PHE B 71 -13.11 -9.00 10.22
N GLU B 72 -14.20 -9.04 9.48
CA GLU B 72 -14.70 -10.32 8.96
C GLU B 72 -13.73 -10.91 7.97
N ALA B 73 -13.23 -10.07 7.06
CA ALA B 73 -12.24 -10.51 6.12
C ALA B 73 -10.94 -10.95 6.78
N LYS B 74 -10.54 -10.27 7.85
CA LYS B 74 -9.32 -10.63 8.54
C LYS B 74 -9.42 -12.07 9.08
N LYS B 75 -10.58 -12.37 9.67
N LYS B 75 -10.57 -12.40 9.67
CA LYS B 75 -10.85 -13.71 10.21
CA LYS B 75 -10.76 -13.77 10.18
C LYS B 75 -10.80 -14.76 9.10
C LYS B 75 -10.74 -14.77 9.05
N PHE B 76 -11.42 -14.46 7.97
CA PHE B 76 -11.45 -15.33 6.79
C PHE B 76 -10.02 -15.57 6.25
N LEU B 77 -9.23 -14.50 6.14
CA LEU B 77 -7.92 -14.59 5.55
C LEU B 77 -6.90 -15.27 6.46
N LEU B 78 -6.97 -15.02 7.77
CA LEU B 78 -5.99 -15.62 8.65
C LEU B 78 -6.10 -17.15 8.66
N LYS B 79 -7.24 -17.70 8.23
CA LYS B 79 -7.40 -19.15 8.22
C LYS B 79 -7.08 -19.77 6.84
N GLN B 80 -6.66 -18.94 5.87
CA GLN B 80 -6.28 -19.43 4.55
C GLN B 80 -4.88 -19.98 4.56
N GLU B 81 -4.69 -21.14 3.92
CA GLU B 81 -3.37 -21.75 3.85
C GLU B 81 -2.29 -20.83 3.25
N PHE B 82 -2.70 -20.01 2.27
CA PHE B 82 -1.74 -19.24 1.53
C PHE B 82 -1.56 -17.83 2.06
N VAL B 83 -2.09 -17.55 3.25
CA VAL B 83 -1.90 -16.25 3.89
C VAL B 83 -0.89 -16.41 5.01
N SER B 84 0.19 -15.64 4.98
CA SER B 84 1.23 -15.71 5.99
C SER B 84 0.94 -14.82 7.18
N GLU B 85 0.30 -13.69 6.93
N GLU B 85 0.32 -13.68 6.91
CA GLU B 85 0.05 -12.68 7.96
CA GLU B 85 0.11 -12.64 7.92
C GLU B 85 -0.99 -11.72 7.46
C GLU B 85 -0.97 -11.69 7.45
N VAL B 86 -1.76 -11.18 8.39
CA VAL B 86 -2.73 -10.15 8.09
C VAL B 86 -2.74 -9.16 9.24
N THR B 87 -2.55 -7.88 8.94
CA THR B 87 -2.68 -6.84 9.95
C THR B 87 -3.72 -5.84 9.51
N ILE B 88 -4.35 -5.16 10.45
CA ILE B 88 -5.41 -4.20 10.16
C ILE B 88 -4.94 -2.80 10.54
N GLU B 89 -5.24 -1.84 9.67
CA GLU B 89 -4.88 -0.44 9.85
C GLU B 89 -6.09 0.43 9.55
N GLY B 90 -6.20 1.58 10.21
CA GLY B 90 -7.27 2.52 9.88
C GLY B 90 -6.80 3.61 8.94
N GLN B 91 -7.65 4.03 8.02
CA GLN B 91 -7.38 5.20 7.19
C GLN B 91 -7.53 6.42 8.07
C GLN B 91 -7.53 6.45 8.03
N SER B 92 -6.47 7.22 8.12
N SER B 92 -6.43 7.19 8.17
CA SER B 92 -6.41 8.38 8.99
C SER B 92 -5.51 9.43 8.36
N PHE B 93 -6.01 10.65 8.23
CA PHE B 93 -5.17 11.75 7.76
C PHE B 93 -5.00 12.73 8.90
N ASP B 94 -3.75 13.14 9.13
CA ASP B 94 -3.44 14.14 10.14
C ASP B 94 -4.23 15.41 9.87
N GLY B 95 -4.81 16.00 10.90
CA GLY B 95 -5.60 17.20 10.68
C GLY B 95 -6.67 17.45 11.72
CL CL C . -9.84 -4.17 -6.89
CL CL D . 3.67 5.78 -12.62
CL CL E . 7.06 23.23 4.00
CL CL F . 0.41 9.10 8.17
#